data_1D1G
#
_entry.id   1D1G
#
_cell.length_a   35.525
_cell.length_b   51.419
_cell.length_c   52.961
_cell.angle_alpha   94.50
_cell.angle_beta   95.31
_cell.angle_gamma   110.15
#
_symmetry.space_group_name_H-M   'P 1'
#
loop_
_entity.id
_entity.type
_entity.pdbx_description
1 polymer 'DIHYDROFOLATE REDUCTASE'
2 non-polymer 'NADPH DIHYDRO-NICOTINAMIDE-ADENINE-DINUCLEOTIDE PHOSPHATE'
3 non-polymer METHOTREXATE
4 water water
#
_entity_poly.entity_id   1
_entity_poly.type   'polypeptide(L)'
_entity_poly.pdbx_seq_one_letter_code
;AKVIFVLAMDVSGKIASSVESWSSFEDRKNFRKITTEIGNVVMGRITFEEIGRPLPERLNVVLTRRPKTSNNPSLVFFNG
SPADVVKFLEGKGYERVAVIGGKTVFTEFLREKLVDELFVTVEPYVFGKGIPFFDEFEGYFPLKLLEMRRLNERGTLFLK
YSVEKSHR
;
_entity_poly.pdbx_strand_id   A,B
#
loop_
_chem_comp.id
_chem_comp.type
_chem_comp.name
_chem_comp.formula
MTX non-polymer METHOTREXATE 'C20 H22 N8 O5'
NDP non-polymer 'NADPH DIHYDRO-NICOTINAMIDE-ADENINE-DINUCLEOTIDE PHOSPHATE' 'C21 H30 N7 O17 P3'
#
# COMPACT_ATOMS: atom_id res chain seq x y z
N ALA A 1 12.71 -24.55 2.93
CA ALA A 1 13.03 -23.41 2.04
C ALA A 1 12.31 -22.18 2.54
N LYS A 2 12.78 -21.00 2.17
CA LYS A 2 12.07 -19.82 2.63
C LYS A 2 11.19 -19.29 1.49
N VAL A 3 10.00 -18.86 1.86
CA VAL A 3 9.03 -18.36 0.93
C VAL A 3 9.17 -16.86 0.67
N ILE A 4 9.36 -16.51 -0.59
CA ILE A 4 9.45 -15.10 -0.96
C ILE A 4 8.29 -14.66 -1.84
N PHE A 5 7.58 -13.61 -1.41
CA PHE A 5 6.49 -13.05 -2.21
C PHE A 5 7.14 -11.99 -3.13
N VAL A 6 6.70 -11.92 -4.37
CA VAL A 6 7.21 -10.95 -5.32
C VAL A 6 5.98 -10.30 -5.94
N LEU A 7 5.77 -9.02 -5.69
CA LEU A 7 4.59 -8.37 -6.25
C LEU A 7 4.82 -6.90 -6.55
N ALA A 8 4.00 -6.36 -7.43
CA ALA A 8 4.06 -4.94 -7.74
C ALA A 8 2.66 -4.43 -7.38
N MET A 9 2.58 -3.21 -6.86
CA MET A 9 1.29 -2.62 -6.49
C MET A 9 1.36 -1.10 -6.59
N ASP A 10 0.20 -0.45 -6.52
CA ASP A 10 0.13 1.00 -6.54
C ASP A 10 0.25 1.40 -5.07
N VAL A 11 0.21 2.69 -4.78
CA VAL A 11 0.35 3.12 -3.41
C VAL A 11 -0.79 2.62 -2.51
N SER A 12 -1.97 2.36 -3.09
CA SER A 12 -3.09 1.89 -2.26
C SER A 12 -3.12 0.37 -2.04
N GLY A 13 -2.11 -0.35 -2.51
CA GLY A 13 -2.09 -1.78 -2.26
C GLY A 13 -2.82 -2.71 -3.22
N LYS A 14 -3.01 -2.28 -4.46
CA LYS A 14 -3.68 -3.09 -5.47
C LYS A 14 -2.65 -3.71 -6.43
N ILE A 15 -2.89 -4.95 -6.84
CA ILE A 15 -1.99 -5.62 -7.75
C ILE A 15 -2.52 -5.68 -9.18
N ALA A 16 -3.71 -5.12 -9.42
CA ALA A 16 -4.24 -5.10 -10.78
C ALA A 16 -5.27 -4.00 -10.90
N SER A 17 -5.36 -3.41 -12.09
CA SER A 17 -6.33 -2.34 -12.38
C SER A 17 -6.54 -2.23 -13.89
N SER A 18 -7.47 -1.36 -14.28
CA SER A 18 -7.76 -1.14 -15.69
C SER A 18 -6.91 -0.03 -16.29
N VAL A 19 -5.82 0.31 -15.60
CA VAL A 19 -4.92 1.34 -16.10
C VAL A 19 -3.92 0.65 -17.00
N GLU A 20 -3.82 1.13 -18.24
CA GLU A 20 -2.94 0.57 -19.24
C GLU A 20 -1.45 0.77 -18.91
N SER A 21 -0.69 -0.32 -19.04
CA SER A 21 0.74 -0.31 -18.79
C SER A 21 1.20 0.57 -17.63
N TRP A 22 0.81 0.19 -16.42
CA TRP A 22 1.23 0.94 -15.24
C TRP A 22 2.49 0.26 -14.68
N SER A 23 2.79 -0.93 -15.19
CA SER A 23 3.95 -1.70 -14.76
C SER A 23 5.19 -1.16 -15.47
N SER A 24 6.20 -0.75 -14.72
CA SER A 24 7.39 -0.18 -15.34
C SER A 24 8.35 -1.15 -16.01
N PHE A 25 9.10 -0.60 -16.96
CA PHE A 25 10.11 -1.37 -17.67
C PHE A 25 11.08 -1.86 -16.61
N GLU A 26 11.47 -0.97 -15.71
CA GLU A 26 12.43 -1.34 -14.66
C GLU A 26 11.94 -2.45 -13.74
N ASP A 27 10.68 -2.39 -13.32
CA ASP A 27 10.17 -3.45 -12.46
C ASP A 27 10.18 -4.80 -13.21
N ARG A 28 9.87 -4.77 -14.50
CA ARG A 28 9.86 -6.01 -15.29
C ARG A 28 11.24 -6.67 -15.36
N LYS A 29 12.27 -5.88 -15.61
CA LYS A 29 13.61 -6.44 -15.68
C LYS A 29 14.06 -6.88 -14.29
N ASN A 30 13.69 -6.12 -13.26
CA ASN A 30 14.08 -6.48 -11.90
C ASN A 30 13.39 -7.79 -11.55
N PHE A 31 12.15 -7.94 -12.00
CA PHE A 31 11.37 -9.15 -11.74
C PHE A 31 12.04 -10.37 -12.37
N ARG A 32 12.45 -10.25 -13.63
CA ARG A 32 13.08 -11.39 -14.26
C ARG A 32 14.38 -11.72 -13.53
N LYS A 33 15.15 -10.70 -13.19
CA LYS A 33 16.41 -10.95 -12.49
C LYS A 33 16.20 -11.70 -11.17
N ILE A 34 15.28 -11.21 -10.35
CA ILE A 34 15.00 -11.84 -9.06
C ILE A 34 14.48 -13.29 -9.13
N THR A 35 13.48 -13.53 -9.97
CA THR A 35 12.91 -14.87 -10.08
C THR A 35 13.82 -15.90 -10.75
N THR A 36 14.68 -15.46 -11.66
CA THR A 36 15.56 -16.42 -12.30
C THR A 36 16.61 -16.83 -11.26
N GLU A 37 17.02 -15.88 -10.44
CA GLU A 37 18.00 -16.17 -9.40
C GLU A 37 17.42 -17.24 -8.49
N ILE A 38 16.16 -17.06 -8.11
CA ILE A 38 15.51 -18.04 -7.25
C ILE A 38 15.34 -19.34 -8.04
N GLY A 39 15.11 -19.23 -9.35
CA GLY A 39 14.99 -20.40 -10.19
C GLY A 39 13.61 -21.05 -10.37
N ASN A 40 12.61 -20.54 -9.67
CA ASN A 40 11.26 -21.08 -9.77
C ASN A 40 10.24 -19.97 -9.47
N VAL A 41 9.01 -20.17 -9.94
CA VAL A 41 7.90 -19.26 -9.69
C VAL A 41 6.62 -20.07 -9.48
N VAL A 42 5.85 -19.71 -8.47
CA VAL A 42 4.61 -20.39 -8.17
C VAL A 42 3.51 -19.37 -8.41
N MET A 43 2.54 -19.73 -9.24
CA MET A 43 1.47 -18.82 -9.57
C MET A 43 0.11 -19.52 -9.69
N GLY A 44 -0.95 -18.72 -9.66
CA GLY A 44 -2.29 -19.25 -9.80
C GLY A 44 -2.55 -19.41 -11.29
N ARG A 45 -3.51 -20.26 -11.63
CA ARG A 45 -3.82 -20.51 -13.04
C ARG A 45 -4.16 -19.23 -13.83
N ILE A 46 -4.95 -18.36 -13.23
CA ILE A 46 -5.37 -17.13 -13.91
C ILE A 46 -4.19 -16.23 -14.23
N THR A 47 -3.21 -16.15 -13.32
CA THR A 47 -2.03 -15.35 -13.58
C THR A 47 -1.22 -16.01 -14.70
N PHE A 48 -1.14 -17.34 -14.68
CA PHE A 48 -0.40 -18.05 -15.72
C PHE A 48 -1.02 -17.76 -17.11
N GLU A 49 -2.35 -17.77 -17.17
CA GLU A 49 -3.00 -17.52 -18.46
C GLU A 49 -2.80 -16.10 -18.98
N GLU A 50 -2.57 -15.16 -18.07
CA GLU A 50 -2.34 -13.78 -18.48
C GLU A 50 -0.90 -13.65 -19.01
N ILE A 51 0.03 -14.35 -18.39
CA ILE A 51 1.40 -14.28 -18.88
C ILE A 51 1.40 -15.00 -20.22
N GLY A 52 0.61 -16.06 -20.31
CA GLY A 52 0.48 -16.80 -21.56
C GLY A 52 1.40 -17.96 -21.81
N ARG A 53 2.60 -17.94 -21.25
CA ARG A 53 3.54 -19.04 -21.46
C ARG A 53 4.47 -19.15 -20.27
N PRO A 54 5.19 -20.28 -20.17
CA PRO A 54 6.13 -20.47 -19.05
C PRO A 54 7.24 -19.44 -19.15
N LEU A 55 7.73 -18.98 -18.01
CA LEU A 55 8.81 -18.01 -18.00
C LEU A 55 10.11 -18.79 -18.15
N PRO A 56 10.96 -18.36 -19.09
CA PRO A 56 12.24 -19.02 -19.34
C PRO A 56 13.24 -19.05 -18.18
N GLU A 57 14.01 -20.13 -18.13
CA GLU A 57 15.05 -20.34 -17.12
C GLU A 57 14.54 -20.49 -15.69
N ARG A 58 13.27 -20.84 -15.57
CA ARG A 58 12.67 -21.04 -14.27
C ARG A 58 11.67 -22.20 -14.31
N LEU A 59 11.56 -22.90 -13.19
CA LEU A 59 10.58 -23.96 -13.10
C LEU A 59 9.27 -23.23 -12.77
N ASN A 60 8.28 -23.36 -13.65
CA ASN A 60 6.99 -22.72 -13.47
C ASN A 60 6.00 -23.68 -12.82
N VAL A 61 5.53 -23.35 -11.62
CA VAL A 61 4.54 -24.16 -10.93
C VAL A 61 3.21 -23.41 -10.97
N VAL A 62 2.22 -24.01 -11.62
CA VAL A 62 0.92 -23.39 -11.75
C VAL A 62 -0.12 -24.16 -10.96
N LEU A 63 -0.73 -23.47 -10.00
CA LEU A 63 -1.74 -24.07 -9.15
C LEU A 63 -3.08 -24.12 -9.89
N THR A 64 -3.72 -25.28 -9.87
CA THR A 64 -5.01 -25.47 -10.53
C THR A 64 -5.60 -26.77 -10.00
N ARG A 65 -6.91 -26.82 -9.82
CA ARG A 65 -7.54 -28.03 -9.32
C ARG A 65 -7.85 -28.98 -10.47
N ARG A 66 -7.54 -28.55 -11.69
CA ARG A 66 -7.74 -29.38 -12.88
C ARG A 66 -6.38 -29.58 -13.51
N PRO A 67 -5.47 -30.28 -12.81
CA PRO A 67 -4.14 -30.52 -13.34
C PRO A 67 -4.19 -30.99 -14.79
N LYS A 68 -3.23 -30.51 -15.56
CA LYS A 68 -3.13 -30.84 -16.97
C LYS A 68 -1.77 -31.48 -17.22
N THR A 69 -1.73 -32.51 -18.05
CA THR A 69 -0.47 -33.15 -18.35
C THR A 69 0.39 -32.12 -19.07
N SER A 70 1.70 -32.17 -18.86
CA SER A 70 2.60 -31.21 -19.49
C SER A 70 3.72 -31.90 -20.25
N ASN A 71 4.08 -31.34 -21.39
CA ASN A 71 5.15 -31.89 -22.20
C ASN A 71 6.47 -31.17 -21.87
N ASN A 72 6.33 -29.98 -21.26
CA ASN A 72 7.48 -29.16 -20.90
C ASN A 72 7.96 -29.41 -19.48
N PRO A 73 9.23 -29.79 -19.33
CA PRO A 73 9.86 -30.08 -18.04
C PRO A 73 9.88 -28.90 -17.05
N SER A 74 9.79 -27.69 -17.58
CA SER A 74 9.82 -26.51 -16.73
C SER A 74 8.44 -25.96 -16.42
N LEU A 75 7.41 -26.71 -16.79
CA LEU A 75 6.03 -26.31 -16.52
C LEU A 75 5.33 -27.45 -15.80
N VAL A 76 4.79 -27.16 -14.62
CA VAL A 76 4.10 -28.17 -13.85
C VAL A 76 2.75 -27.71 -13.33
N PHE A 77 1.67 -28.39 -13.70
CA PHE A 77 0.35 -28.03 -13.19
C PHE A 77 0.19 -28.80 -11.91
N PHE A 78 -0.02 -28.07 -10.82
CA PHE A 78 -0.04 -28.68 -9.51
C PHE A 78 -1.33 -28.44 -8.72
N ASN A 79 -1.80 -29.49 -8.08
CA ASN A 79 -3.02 -29.42 -7.27
C ASN A 79 -2.65 -29.73 -5.84
N GLY A 80 -2.43 -28.69 -5.05
CA GLY A 80 -2.06 -28.89 -3.66
C GLY A 80 -2.12 -27.64 -2.82
N SER A 81 -1.88 -27.79 -1.52
CA SER A 81 -1.94 -26.65 -0.60
C SER A 81 -0.60 -25.95 -0.61
N PRO A 82 -0.56 -24.73 -0.04
CA PRO A 82 0.70 -23.97 0.01
C PRO A 82 1.82 -24.83 0.61
N ALA A 83 1.50 -25.59 1.66
CA ALA A 83 2.48 -26.45 2.31
C ALA A 83 2.98 -27.51 1.34
N ASP A 84 2.05 -28.14 0.62
CA ASP A 84 2.41 -29.16 -0.35
C ASP A 84 3.35 -28.57 -1.40
N VAL A 85 3.00 -27.37 -1.88
CA VAL A 85 3.83 -26.69 -2.88
C VAL A 85 5.27 -26.51 -2.40
N VAL A 86 5.44 -26.07 -1.15
CA VAL A 86 6.78 -25.86 -0.62
C VAL A 86 7.56 -27.16 -0.52
N LYS A 87 6.87 -28.22 -0.09
CA LYS A 87 7.49 -29.55 0.05
C LYS A 87 8.00 -30.03 -1.31
N PHE A 88 7.16 -29.92 -2.33
CA PHE A 88 7.53 -30.33 -3.68
C PHE A 88 8.78 -29.64 -4.20
N LEU A 89 8.87 -28.34 -3.98
CA LEU A 89 10.03 -27.59 -4.46
C LEU A 89 11.26 -27.88 -3.60
N GLU A 90 11.04 -28.07 -2.31
CA GLU A 90 12.15 -28.39 -1.42
C GLU A 90 12.76 -29.69 -1.93
N GLY A 91 11.89 -30.64 -2.28
CA GLY A 91 12.35 -31.93 -2.78
C GLY A 91 13.11 -31.82 -4.09
N LYS A 92 13.07 -30.65 -4.70
CA LYS A 92 13.78 -30.41 -5.95
C LYS A 92 15.11 -29.74 -5.68
N GLY A 93 15.38 -29.43 -4.41
CA GLY A 93 16.63 -28.77 -4.07
C GLY A 93 16.60 -27.25 -3.97
N TYR A 94 15.43 -26.65 -4.14
CA TYR A 94 15.31 -25.19 -4.06
C TYR A 94 15.32 -24.69 -2.62
N GLU A 95 16.17 -23.71 -2.35
CA GLU A 95 16.27 -23.12 -1.02
C GLU A 95 15.20 -22.06 -0.84
N ARG A 96 14.85 -21.41 -1.94
CA ARG A 96 13.84 -20.37 -1.89
C ARG A 96 12.74 -20.61 -2.91
N VAL A 97 11.52 -20.21 -2.54
CA VAL A 97 10.33 -20.35 -3.38
C VAL A 97 9.80 -18.97 -3.69
N ALA A 98 9.70 -18.63 -4.98
CA ALA A 98 9.15 -17.32 -5.35
C ALA A 98 7.69 -17.45 -5.67
N VAL A 99 6.85 -16.86 -4.84
CA VAL A 99 5.42 -16.87 -5.05
C VAL A 99 5.17 -15.53 -5.77
N ILE A 100 4.69 -15.60 -7.01
CA ILE A 100 4.50 -14.37 -7.76
C ILE A 100 3.09 -13.93 -7.91
N GLY A 101 2.17 -14.69 -7.35
CA GLY A 101 0.86 -14.14 -7.45
C GLY A 101 -0.37 -14.87 -7.83
N GLY A 102 -1.37 -14.01 -7.74
CA GLY A 102 -2.75 -14.27 -7.93
C GLY A 102 -3.13 -13.78 -6.54
N LYS A 103 -4.13 -12.93 -6.44
CA LYS A 103 -4.59 -12.46 -5.14
C LYS A 103 -4.94 -13.73 -4.34
N THR A 104 -5.57 -14.68 -5.01
CA THR A 104 -5.98 -15.93 -4.37
C THR A 104 -4.76 -16.67 -3.81
N VAL A 105 -3.69 -16.76 -4.58
CA VAL A 105 -2.52 -17.48 -4.11
C VAL A 105 -1.82 -16.75 -2.96
N PHE A 106 -1.74 -15.42 -3.03
CA PHE A 106 -1.10 -14.67 -1.96
C PHE A 106 -1.91 -14.89 -0.68
N THR A 107 -3.23 -14.84 -0.82
CA THR A 107 -4.09 -15.02 0.34
C THR A 107 -3.89 -16.36 1.05
N GLU A 108 -3.78 -17.45 0.28
CA GLU A 108 -3.59 -18.80 0.82
C GLU A 108 -2.28 -18.96 1.59
N PHE A 109 -1.20 -18.44 1.03
CA PHE A 109 0.09 -18.54 1.70
C PHE A 109 0.10 -17.70 2.97
N LEU A 110 -0.62 -16.58 2.95
CA LEU A 110 -0.68 -15.72 4.14
C LEU A 110 -1.49 -16.38 5.25
N ARG A 111 -2.67 -16.91 4.93
CA ARG A 111 -3.52 -17.59 5.92
C ARG A 111 -2.72 -18.70 6.60
N GLU A 112 -1.83 -19.34 5.85
CA GLU A 112 -1.03 -20.45 6.38
C GLU A 112 0.31 -20.02 6.99
N LYS A 113 0.58 -18.71 7.04
CA LYS A 113 1.83 -18.19 7.60
C LYS A 113 3.07 -18.65 6.85
N LEU A 114 2.94 -19.00 5.57
CA LEU A 114 4.10 -19.43 4.82
C LEU A 114 4.63 -18.27 3.97
N VAL A 115 5.40 -17.40 4.61
CA VAL A 115 5.99 -16.25 3.94
C VAL A 115 7.15 -15.74 4.80
N ASP A 116 8.35 -15.66 4.22
CA ASP A 116 9.51 -15.22 4.95
C ASP A 116 10.03 -13.85 4.56
N GLU A 117 9.87 -13.49 3.29
CA GLU A 117 10.31 -12.19 2.79
C GLU A 117 9.34 -11.68 1.75
N LEU A 118 9.23 -10.36 1.65
CA LEU A 118 8.37 -9.71 0.65
C LEU A 118 9.23 -8.75 -0.20
N PHE A 119 9.24 -9.00 -1.52
CA PHE A 119 9.98 -8.19 -2.48
C PHE A 119 8.87 -7.40 -3.13
N VAL A 120 8.67 -6.20 -2.63
CA VAL A 120 7.59 -5.35 -3.12
C VAL A 120 8.02 -4.18 -3.98
N THR A 121 7.40 -4.07 -5.15
CA THR A 121 7.64 -2.93 -6.01
C THR A 121 6.39 -2.07 -5.90
N VAL A 122 6.58 -0.78 -5.58
CA VAL A 122 5.49 0.18 -5.47
C VAL A 122 5.59 1.13 -6.67
N GLU A 123 4.60 1.03 -7.57
CA GLU A 123 4.54 1.87 -8.77
C GLU A 123 3.86 3.17 -8.36
N PRO A 124 4.33 4.30 -8.92
CA PRO A 124 3.77 5.61 -8.60
C PRO A 124 2.38 5.95 -9.13
N TYR A 125 1.37 5.34 -8.53
CA TYR A 125 -0.02 5.56 -8.88
C TYR A 125 -0.91 5.35 -7.69
N VAL A 126 -2.15 5.79 -7.86
CA VAL A 126 -3.23 5.57 -6.90
C VAL A 126 -4.37 5.10 -7.83
N PHE A 127 -4.80 3.84 -7.66
CA PHE A 127 -5.89 3.26 -8.47
C PHE A 127 -7.20 3.33 -7.67
N GLY A 128 -8.21 3.99 -8.22
CA GLY A 128 -9.47 4.10 -7.52
C GLY A 128 -10.19 2.76 -7.41
N LYS A 129 -9.83 1.81 -8.25
CA LYS A 129 -10.49 0.50 -8.26
C LYS A 129 -9.47 -0.50 -8.71
N GLY A 130 -9.56 -1.72 -8.20
CA GLY A 130 -8.62 -2.75 -8.62
C GLY A 130 -8.70 -3.98 -7.74
N ILE A 131 -7.83 -4.93 -8.02
CA ILE A 131 -7.74 -6.19 -7.29
C ILE A 131 -6.74 -6.03 -6.14
N PRO A 132 -7.19 -6.25 -4.90
CA PRO A 132 -6.30 -6.12 -3.72
C PRO A 132 -5.25 -7.20 -3.63
N PHE A 133 -4.16 -6.84 -2.97
CA PHE A 133 -3.02 -7.71 -2.72
C PHE A 133 -3.54 -9.06 -2.18
N PHE A 134 -4.50 -9.02 -1.28
CA PHE A 134 -5.06 -10.24 -0.71
C PHE A 134 -6.43 -9.98 -0.10
N ASP A 135 -7.20 -11.05 0.08
CA ASP A 135 -8.53 -10.96 0.70
C ASP A 135 -8.31 -11.04 2.22
N GLU A 136 -9.25 -10.50 2.98
CA GLU A 136 -9.17 -10.50 4.44
C GLU A 136 -8.70 -11.80 5.08
N PHE A 137 -7.89 -11.68 6.12
CA PHE A 137 -7.39 -12.83 6.85
C PHE A 137 -7.09 -12.40 8.28
N GLU A 138 -7.23 -13.34 9.21
CA GLU A 138 -6.98 -13.08 10.62
C GLU A 138 -5.49 -13.03 10.89
N GLY A 139 -5.07 -12.08 11.71
CA GLY A 139 -3.67 -11.98 12.03
C GLY A 139 -2.97 -10.88 11.25
N TYR A 140 -1.68 -10.73 11.52
CA TYR A 140 -0.90 -9.71 10.85
C TYR A 140 0.55 -10.13 10.95
N PHE A 141 1.43 -9.41 10.27
CA PHE A 141 2.84 -9.72 10.32
C PHE A 141 3.70 -8.50 10.51
N PRO A 142 4.55 -8.52 11.54
CA PRO A 142 5.45 -7.38 11.76
C PRO A 142 6.56 -7.60 10.76
N LEU A 143 7.11 -6.52 10.24
CA LEU A 143 8.15 -6.64 9.24
C LEU A 143 9.35 -5.81 9.63
N LYS A 144 10.42 -6.00 8.86
CA LYS A 144 11.64 -5.25 9.03
C LYS A 144 12.11 -4.95 7.62
N LEU A 145 12.43 -3.67 7.37
CA LEU A 145 12.90 -3.25 6.05
C LEU A 145 14.37 -3.59 5.83
N LEU A 146 14.65 -4.41 4.83
CA LEU A 146 16.01 -4.82 4.53
C LEU A 146 16.70 -3.93 3.52
N GLU A 147 15.96 -3.48 2.51
CA GLU A 147 16.53 -2.69 1.43
C GLU A 147 15.46 -1.86 0.72
N MET A 148 15.84 -0.67 0.25
CA MET A 148 14.93 0.21 -0.47
C MET A 148 15.72 0.77 -1.62
N ARG A 149 15.10 0.84 -2.79
CA ARG A 149 15.79 1.31 -3.96
C ARG A 149 14.85 1.93 -4.96
N ARG A 150 15.24 3.11 -5.45
CA ARG A 150 14.44 3.80 -6.45
C ARG A 150 14.85 3.15 -7.77
N LEU A 151 13.89 2.70 -8.58
CA LEU A 151 14.23 2.05 -9.84
C LEU A 151 14.24 2.97 -11.05
N ASN A 152 13.64 4.15 -10.91
CA ASN A 152 13.62 5.06 -12.03
C ASN A 152 13.31 6.47 -11.58
N GLU A 153 13.36 7.39 -12.54
CA GLU A 153 13.13 8.79 -12.25
C GLU A 153 11.73 9.13 -11.79
N ARG A 154 10.71 8.46 -12.31
CA ARG A 154 9.37 8.79 -11.88
C ARG A 154 9.13 8.41 -10.42
N GLY A 155 9.87 7.43 -9.92
CA GLY A 155 9.71 7.04 -8.54
C GLY A 155 9.32 5.62 -8.22
N THR A 156 9.47 4.71 -9.18
CA THR A 156 9.14 3.32 -8.92
C THR A 156 10.07 2.87 -7.80
N LEU A 157 9.49 2.33 -6.74
CA LEU A 157 10.27 1.89 -5.56
C LEU A 157 10.29 0.39 -5.34
N PHE A 158 11.45 -0.15 -5.05
CA PHE A 158 11.60 -1.57 -4.77
C PHE A 158 11.98 -1.68 -3.31
N LEU A 159 11.14 -2.38 -2.57
CA LEU A 159 11.32 -2.56 -1.15
C LEU A 159 11.47 -4.03 -0.84
N LYS A 160 12.32 -4.33 0.12
CA LYS A 160 12.55 -5.72 0.51
C LYS A 160 12.36 -5.84 2.00
N TYR A 161 11.36 -6.60 2.41
CA TYR A 161 11.08 -6.83 3.82
C TYR A 161 11.23 -8.27 4.26
N SER A 162 11.65 -8.44 5.51
CA SER A 162 11.77 -9.75 6.10
C SER A 162 10.59 -9.84 7.05
N VAL A 163 9.99 -11.02 7.18
CA VAL A 163 8.87 -11.18 8.09
C VAL A 163 9.43 -11.57 9.46
N GLU A 164 8.99 -10.89 10.52
CA GLU A 164 9.47 -11.19 11.86
C GLU A 164 8.55 -12.17 12.58
N ALA B 1 -4.87 27.34 -2.97
CA ALA B 1 -3.99 26.52 -2.07
C ALA B 1 -3.93 25.09 -2.58
N LYS B 2 -2.86 24.39 -2.24
CA LYS B 2 -2.76 23.01 -2.67
C LYS B 2 -3.11 22.06 -1.54
N VAL B 3 -3.85 21.02 -1.88
CA VAL B 3 -4.29 20.04 -0.90
C VAL B 3 -3.26 18.95 -0.66
N ILE B 4 -2.88 18.78 0.60
CA ILE B 4 -1.91 17.77 0.94
C ILE B 4 -2.53 16.68 1.82
N PHE B 5 -2.36 15.41 1.42
CA PHE B 5 -2.85 14.28 2.23
C PHE B 5 -1.69 13.85 3.13
N VAL B 6 -1.98 13.59 4.39
CA VAL B 6 -0.97 13.13 5.33
C VAL B 6 -1.58 11.88 5.97
N LEU B 7 -0.96 10.72 5.73
CA LEU B 7 -1.49 9.48 6.29
C LEU B 7 -0.37 8.48 6.56
N ALA B 8 -0.66 7.53 7.44
CA ALA B 8 0.25 6.44 7.78
C ALA B 8 -0.55 5.16 7.46
N MET B 9 0.10 4.17 6.86
CA MET B 9 -0.57 2.92 6.50
C MET B 9 0.42 1.77 6.57
N ASP B 10 -0.12 0.55 6.62
CA ASP B 10 0.74 -0.63 6.60
C ASP B 10 1.08 -0.81 5.13
N VAL B 11 1.80 -1.87 4.82
CA VAL B 11 2.17 -2.14 3.45
C VAL B 11 0.96 -2.50 2.57
N SER B 12 -0.13 -2.99 3.15
CA SER B 12 -1.29 -3.35 2.32
C SER B 12 -2.26 -2.20 2.03
N GLY B 13 -1.95 -1.01 2.53
CA GLY B 13 -2.80 0.16 2.25
C GLY B 13 -3.90 0.48 3.24
N LYS B 14 -3.76 0.05 4.48
CA LYS B 14 -4.78 0.31 5.48
C LYS B 14 -4.28 1.36 6.48
N ILE B 15 -5.18 2.27 6.84
CA ILE B 15 -4.83 3.34 7.77
C ILE B 15 -5.24 3.04 9.20
N ALA B 16 -5.81 1.86 9.44
CA ALA B 16 -6.25 1.49 10.79
C ALA B 16 -6.48 -0.02 10.87
N SER B 17 -6.17 -0.60 12.02
CA SER B 17 -6.37 -2.03 12.24
C SER B 17 -6.57 -2.26 13.73
N SER B 18 -6.78 -3.52 14.11
CA SER B 18 -7.00 -3.84 15.51
C SER B 18 -5.69 -4.01 16.26
N VAL B 19 -4.57 -3.97 15.55
CA VAL B 19 -3.26 -4.13 16.18
C VAL B 19 -2.92 -2.94 17.05
N GLU B 20 -2.45 -3.22 18.26
CA GLU B 20 -2.10 -2.19 19.22
C GLU B 20 -0.72 -1.58 19.02
N SER B 21 -0.67 -0.25 19.09
CA SER B 21 0.59 0.47 18.98
C SER B 21 1.45 0.17 17.75
N TRP B 22 0.86 0.28 16.57
CA TRP B 22 1.65 0.03 15.38
C TRP B 22 2.21 1.35 14.86
N SER B 23 1.74 2.45 15.43
CA SER B 23 2.22 3.78 15.02
C SER B 23 3.56 4.08 15.68
N SER B 24 4.56 4.47 14.89
CA SER B 24 5.88 4.75 15.45
C SER B 24 5.94 6.18 15.98
N PHE B 25 6.71 6.40 17.04
CA PHE B 25 6.78 7.75 17.56
C PHE B 25 7.46 8.66 16.55
N GLU B 26 8.37 8.10 15.76
CA GLU B 26 9.04 8.89 14.74
C GLU B 26 8.02 9.43 13.73
N ASP B 27 6.98 8.65 13.45
CA ASP B 27 5.97 9.12 12.51
C ASP B 27 5.18 10.21 13.20
N ARG B 28 4.90 9.99 14.48
CA ARG B 28 4.12 10.97 15.22
C ARG B 28 4.81 12.31 15.31
N LYS B 29 6.13 12.32 15.47
CA LYS B 29 6.86 13.59 15.56
C LYS B 29 6.93 14.23 14.20
N ASN B 30 7.13 13.42 13.18
CA ASN B 30 7.20 13.93 11.82
C ASN B 30 5.85 14.55 11.45
N PHE B 31 4.76 13.93 11.89
CA PHE B 31 3.39 14.40 11.63
C PHE B 31 3.22 15.76 12.31
N ARG B 32 3.64 15.84 13.56
CA ARG B 32 3.55 17.06 14.30
C ARG B 32 4.25 18.18 13.53
N LYS B 33 5.49 17.95 13.10
CA LYS B 33 6.23 18.98 12.39
C LYS B 33 5.53 19.43 11.11
N ILE B 34 5.21 18.48 10.25
CA ILE B 34 4.57 18.81 8.98
C ILE B 34 3.25 19.55 9.12
N THR B 35 2.36 19.05 9.98
CA THR B 35 1.07 19.72 10.11
C THR B 35 1.15 21.08 10.78
N THR B 36 2.08 21.29 11.71
CA THR B 36 2.18 22.60 12.35
C THR B 36 2.77 23.58 11.33
N GLU B 37 3.66 23.08 10.48
CA GLU B 37 4.25 23.93 9.45
C GLU B 37 3.14 24.43 8.52
N ILE B 38 2.26 23.51 8.11
CA ILE B 38 1.14 23.87 7.24
C ILE B 38 0.17 24.78 8.02
N GLY B 39 0.07 24.58 9.32
CA GLY B 39 -0.78 25.44 10.12
C GLY B 39 -2.23 25.02 10.33
N ASN B 40 -2.69 24.01 9.61
CA ASN B 40 -4.05 23.56 9.74
C ASN B 40 -4.15 22.06 9.46
N VAL B 41 -5.22 21.45 9.98
CA VAL B 41 -5.50 20.03 9.75
C VAL B 41 -7.01 19.91 9.52
N VAL B 42 -7.38 19.22 8.45
CA VAL B 42 -8.77 18.98 8.11
C VAL B 42 -9.00 17.49 8.37
N MET B 43 -10.00 17.16 9.17
CA MET B 43 -10.29 15.77 9.52
C MET B 43 -11.76 15.50 9.69
N GLY B 44 -12.11 14.21 9.65
CA GLY B 44 -13.47 13.79 9.85
C GLY B 44 -13.74 13.75 11.34
N ARG B 45 -15.01 13.83 11.69
CA ARG B 45 -15.42 13.83 13.09
C ARG B 45 -14.92 12.62 13.90
N ILE B 46 -14.95 11.43 13.30
CA ILE B 46 -14.51 10.22 14.00
C ILE B 46 -13.03 10.30 14.32
N THR B 47 -12.24 10.72 13.34
CA THR B 47 -10.80 10.86 13.56
C THR B 47 -10.61 11.84 14.72
N PHE B 48 -11.39 12.92 14.71
CA PHE B 48 -11.31 13.93 15.75
C PHE B 48 -11.49 13.29 17.13
N GLU B 49 -12.55 12.51 17.29
CA GLU B 49 -12.82 11.86 18.58
C GLU B 49 -11.69 10.95 19.02
N GLU B 50 -11.09 10.26 18.07
CA GLU B 50 -9.99 9.36 18.37
C GLU B 50 -8.72 10.11 18.77
N ILE B 51 -8.51 11.30 18.22
CA ILE B 51 -7.33 12.07 18.60
C ILE B 51 -7.57 12.56 20.02
N GLY B 52 -8.83 12.81 20.33
CA GLY B 52 -9.19 13.25 21.67
C GLY B 52 -9.26 14.73 21.96
N ARG B 53 -8.70 15.56 21.10
CA ARG B 53 -8.75 17.00 21.34
C ARG B 53 -8.10 17.77 20.20
N PRO B 54 -8.29 19.10 20.16
CA PRO B 54 -7.70 19.94 19.12
C PRO B 54 -6.19 19.86 19.18
N LEU B 55 -5.53 19.68 18.04
CA LEU B 55 -4.08 19.61 18.02
C LEU B 55 -3.53 21.03 18.20
N PRO B 56 -2.67 21.22 19.20
CA PRO B 56 -2.06 22.51 19.51
C PRO B 56 -1.29 23.20 18.39
N GLU B 57 -1.40 24.52 18.35
CA GLU B 57 -0.73 25.36 17.36
C GLU B 57 -1.14 25.05 15.92
N ARG B 58 -2.41 24.71 15.74
CA ARG B 58 -2.96 24.42 14.42
C ARG B 58 -4.45 24.71 14.42
N LEU B 59 -4.96 25.19 13.30
CA LEU B 59 -6.40 25.43 13.21
C LEU B 59 -6.93 24.04 12.88
N ASN B 60 -7.80 23.50 13.72
CA ASN B 60 -8.38 22.19 13.50
C ASN B 60 -9.74 22.36 12.87
N VAL B 61 -9.93 21.79 11.68
CA VAL B 61 -11.21 21.87 11.00
C VAL B 61 -11.80 20.47 10.98
N VAL B 62 -12.87 20.30 11.75
CA VAL B 62 -13.52 19.00 11.86
C VAL B 62 -14.79 18.94 11.03
N LEU B 63 -14.75 18.13 9.98
CA LEU B 63 -15.90 17.99 9.12
C LEU B 63 -17.02 17.25 9.84
N THR B 64 -18.22 17.80 9.77
CA THR B 64 -19.39 17.20 10.41
C THR B 64 -20.66 17.79 9.83
N ARG B 65 -21.71 16.97 9.77
CA ARG B 65 -23.00 17.39 9.23
C ARG B 65 -23.89 17.90 10.36
N ARG B 66 -23.52 17.56 11.59
CA ARG B 66 -24.25 17.99 12.77
C ARG B 66 -23.30 18.90 13.53
N PRO B 67 -23.14 20.15 13.06
CA PRO B 67 -22.28 21.20 13.60
C PRO B 67 -22.56 21.59 15.06
N LYS B 68 -21.49 21.86 15.80
CA LYS B 68 -21.57 22.27 17.20
C LYS B 68 -20.76 23.55 17.35
N THR B 69 -21.34 24.55 17.99
CA THR B 69 -20.63 25.81 18.20
C THR B 69 -19.36 25.53 19.00
N SER B 70 -18.32 26.33 18.77
CA SER B 70 -17.05 26.13 19.45
C SER B 70 -16.59 27.36 20.24
N ASN B 71 -16.04 27.11 21.43
CA ASN B 71 -15.53 28.17 22.27
C ASN B 71 -14.10 28.45 21.85
N ASN B 72 -13.42 27.38 21.44
CA ASN B 72 -12.02 27.42 21.04
C ASN B 72 -11.82 28.04 19.64
N PRO B 73 -10.97 29.07 19.54
CA PRO B 73 -10.68 29.77 18.29
C PRO B 73 -9.97 28.90 17.24
N SER B 74 -9.29 27.86 17.70
CA SER B 74 -8.57 26.99 16.79
C SER B 74 -9.25 25.65 16.54
N LEU B 75 -10.56 25.61 16.74
CA LEU B 75 -11.34 24.41 16.47
C LEU B 75 -12.62 24.85 15.77
N VAL B 76 -12.87 24.26 14.61
CA VAL B 76 -14.06 24.63 13.86
C VAL B 76 -14.77 23.41 13.32
N PHE B 77 -16.08 23.35 13.54
CA PHE B 77 -16.87 22.24 13.02
C PHE B 77 -17.45 22.78 11.74
N PHE B 78 -17.11 22.14 10.63
CA PHE B 78 -17.51 22.60 9.32
C PHE B 78 -18.41 21.61 8.62
N ASN B 79 -19.38 22.15 7.89
CA ASN B 79 -20.32 21.32 7.15
C ASN B 79 -20.27 21.81 5.72
N GLY B 80 -19.81 20.96 4.81
CA GLY B 80 -19.72 21.37 3.43
C GLY B 80 -18.88 20.42 2.61
N SER B 81 -18.77 20.70 1.32
CA SER B 81 -18.01 19.86 0.42
C SER B 81 -16.52 20.11 0.60
N PRO B 82 -15.67 19.20 0.13
CA PRO B 82 -14.22 19.34 0.24
C PRO B 82 -13.76 20.66 -0.41
N ALA B 83 -14.49 21.04 -1.45
CA ALA B 83 -14.18 22.26 -2.19
C ALA B 83 -14.46 23.49 -1.33
N ASP B 84 -15.52 23.42 -0.53
CA ASP B 84 -15.89 24.51 0.37
C ASP B 84 -14.86 24.66 1.48
N VAL B 85 -14.28 23.54 1.91
CA VAL B 85 -13.30 23.56 2.98
C VAL B 85 -12.04 24.29 2.55
N VAL B 86 -11.64 24.04 1.32
CA VAL B 86 -10.45 24.66 0.74
C VAL B 86 -10.68 26.15 0.60
N LYS B 87 -11.85 26.50 0.06
CA LYS B 87 -12.25 27.88 -0.11
C LYS B 87 -12.10 28.59 1.24
N PHE B 88 -12.77 28.03 2.24
CA PHE B 88 -12.76 28.56 3.60
C PHE B 88 -11.35 28.82 4.14
N LEU B 89 -10.47 27.86 3.97
CA LEU B 89 -9.10 28.01 4.45
C LEU B 89 -8.32 29.00 3.59
N GLU B 90 -8.57 28.99 2.29
CA GLU B 90 -7.87 29.93 1.44
C GLU B 90 -8.24 31.34 1.90
N GLY B 91 -9.50 31.52 2.24
CA GLY B 91 -9.98 32.82 2.70
C GLY B 91 -9.27 33.29 3.95
N LYS B 92 -8.62 32.36 4.65
CA LYS B 92 -7.89 32.70 5.85
C LYS B 92 -6.40 32.85 5.62
N GLY B 93 -5.99 32.84 4.36
CA GLY B 93 -4.58 33.02 4.06
C GLY B 93 -3.71 31.77 3.99
N TYR B 94 -4.29 30.59 4.13
CA TYR B 94 -3.50 29.37 4.06
C TYR B 94 -3.17 28.98 2.62
N GLU B 95 -1.91 28.64 2.37
CA GLU B 95 -1.45 28.23 1.04
C GLU B 95 -1.60 26.73 0.88
N ARG B 96 -1.42 26.00 1.98
CA ARG B 96 -1.55 24.56 1.95
C ARG B 96 -2.59 24.10 2.96
N VAL B 97 -3.26 23.00 2.62
CA VAL B 97 -4.31 22.42 3.45
C VAL B 97 -3.88 20.98 3.76
N ALA B 98 -3.89 20.62 5.04
CA ALA B 98 -3.50 19.27 5.43
C ALA B 98 -4.74 18.46 5.75
N VAL B 99 -5.02 17.47 4.93
CA VAL B 99 -6.16 16.58 5.12
C VAL B 99 -5.50 15.42 5.82
N ILE B 100 -5.88 15.18 7.06
CA ILE B 100 -5.21 14.12 7.80
C ILE B 100 -6.00 12.86 7.97
N GLY B 101 -7.19 12.81 7.41
CA GLY B 101 -7.83 11.55 7.54
C GLY B 101 -9.27 11.28 7.83
N GLY B 102 -9.46 9.96 7.77
CA GLY B 102 -10.71 9.31 7.93
C GLY B 102 -10.84 8.75 6.54
N LYS B 103 -11.15 7.47 6.44
CA LYS B 103 -11.36 6.84 5.14
C LYS B 103 -12.37 7.67 4.35
N THR B 104 -13.45 8.10 5.01
CA THR B 104 -14.52 8.88 4.33
C THR B 104 -14.02 10.21 3.76
N VAL B 105 -13.22 10.95 4.55
CA VAL B 105 -12.69 12.22 4.11
C VAL B 105 -11.72 12.06 2.94
N PHE B 106 -10.80 11.11 3.03
CA PHE B 106 -9.88 10.91 1.92
C PHE B 106 -10.67 10.56 0.64
N THR B 107 -11.66 9.69 0.77
CA THR B 107 -12.48 9.28 -0.38
C THR B 107 -13.13 10.50 -1.03
N GLU B 108 -13.80 11.33 -0.22
CA GLU B 108 -14.46 12.54 -0.72
C GLU B 108 -13.54 13.47 -1.50
N PHE B 109 -12.36 13.76 -0.95
CA PHE B 109 -11.41 14.62 -1.64
C PHE B 109 -10.89 13.96 -2.90
N LEU B 110 -10.76 12.64 -2.89
CA LEU B 110 -10.26 11.96 -4.08
C LEU B 110 -11.31 12.02 -5.19
N ARG B 111 -12.57 11.78 -4.85
CA ARG B 111 -13.64 11.81 -5.84
C ARG B 111 -13.67 13.15 -6.56
N GLU B 112 -13.38 14.21 -5.81
CA GLU B 112 -13.39 15.57 -6.35
C GLU B 112 -12.08 15.99 -7.00
N LYS B 113 -11.09 15.11 -7.03
CA LYS B 113 -9.79 15.42 -7.61
C LYS B 113 -9.06 16.55 -6.87
N LEU B 114 -9.45 16.81 -5.64
CA LEU B 114 -8.78 17.86 -4.86
C LEU B 114 -7.63 17.32 -4.06
N VAL B 115 -6.49 17.09 -4.71
CA VAL B 115 -5.33 16.60 -4.01
C VAL B 115 -4.10 16.88 -4.85
N ASP B 116 -3.05 17.43 -4.24
CA ASP B 116 -1.86 17.78 -4.99
C ASP B 116 -0.60 17.02 -4.61
N GLU B 117 -0.53 16.62 -3.34
CA GLU B 117 0.64 15.89 -2.83
C GLU B 117 0.20 14.87 -1.79
N LEU B 118 0.97 13.80 -1.64
CA LEU B 118 0.67 12.78 -0.65
C LEU B 118 1.91 12.59 0.21
N PHE B 119 1.77 12.84 1.51
CA PHE B 119 2.87 12.65 2.48
C PHE B 119 2.51 11.33 3.19
N VAL B 120 3.07 10.26 2.67
CA VAL B 120 2.78 8.90 3.13
C VAL B 120 3.82 8.21 3.98
N THR B 121 3.39 7.70 5.12
CA THR B 121 4.29 6.95 5.97
C THR B 121 3.84 5.51 5.91
N VAL B 122 4.78 4.64 5.58
CA VAL B 122 4.49 3.22 5.50
C VAL B 122 5.14 2.56 6.71
N GLU B 123 4.30 2.05 7.60
CA GLU B 123 4.79 1.35 8.79
C GLU B 123 5.05 -0.09 8.37
N PRO B 124 6.15 -0.68 8.89
CA PRO B 124 6.52 -2.06 8.55
C PRO B 124 5.64 -3.18 9.10
N TYR B 125 4.45 -3.32 8.51
CA TYR B 125 3.48 -4.36 8.87
C TYR B 125 2.60 -4.75 7.67
N VAL B 126 1.93 -5.89 7.80
CA VAL B 126 0.94 -6.35 6.84
C VAL B 126 -0.25 -6.70 7.72
N PHE B 127 -1.34 -5.95 7.61
CA PHE B 127 -2.54 -6.22 8.41
C PHE B 127 -3.55 -7.07 7.62
N GLY B 128 -4.01 -8.16 8.25
CA GLY B 128 -4.97 -9.03 7.59
C GLY B 128 -6.32 -8.37 7.41
N LYS B 129 -6.70 -7.53 8.37
CA LYS B 129 -7.97 -6.82 8.34
C LYS B 129 -7.71 -5.38 8.76
N GLY B 130 -8.56 -4.47 8.31
CA GLY B 130 -8.37 -3.09 8.68
C GLY B 130 -9.21 -2.19 7.81
N ILE B 131 -9.05 -0.88 8.01
CA ILE B 131 -9.77 0.12 7.25
C ILE B 131 -8.86 0.60 6.13
N PRO B 132 -9.34 0.50 4.88
CA PRO B 132 -8.52 0.94 3.76
C PRO B 132 -8.39 2.45 3.70
N PHE B 133 -7.36 2.87 3.00
CA PHE B 133 -7.04 4.27 2.78
C PHE B 133 -8.31 4.99 2.25
N PHE B 134 -9.00 4.39 1.28
CA PHE B 134 -10.22 5.00 0.76
C PHE B 134 -11.14 3.96 0.16
N ASP B 135 -12.39 4.37 -0.09
CA ASP B 135 -13.40 3.50 -0.70
C ASP B 135 -13.31 3.74 -2.19
N GLU B 136 -13.74 2.78 -3.00
CA GLU B 136 -13.70 2.92 -4.44
C GLU B 136 -14.08 4.28 -5.02
N PHE B 137 -13.44 4.64 -6.12
CA PHE B 137 -13.74 5.87 -6.84
C PHE B 137 -13.27 5.71 -8.28
N GLU B 138 -13.85 6.52 -9.17
CA GLU B 138 -13.55 6.46 -10.59
C GLU B 138 -12.25 7.11 -11.02
N GLY B 139 -11.43 6.35 -11.71
CA GLY B 139 -10.18 6.90 -12.19
C GLY B 139 -8.99 6.55 -11.32
N TYR B 140 -7.92 7.30 -11.48
CA TYR B 140 -6.70 7.06 -10.74
C TYR B 140 -5.81 8.27 -10.88
N PHE B 141 -4.69 8.25 -10.19
CA PHE B 141 -3.76 9.36 -10.25
C PHE B 141 -2.33 8.89 -10.47
N PRO B 142 -1.65 9.43 -11.50
CA PRO B 142 -0.27 9.03 -11.71
C PRO B 142 0.46 9.92 -10.71
N LEU B 143 1.61 9.47 -10.22
CA LEU B 143 2.34 10.27 -9.23
C LEU B 143 3.79 10.34 -9.64
N LYS B 144 4.55 11.16 -8.92
CA LYS B 144 5.98 11.32 -9.12
C LYS B 144 6.56 11.33 -7.72
N LEU B 145 7.58 10.52 -7.46
CA LEU B 145 8.16 10.47 -6.13
C LEU B 145 9.10 11.65 -5.89
N LEU B 146 8.74 12.53 -4.96
CA LEU B 146 9.57 13.69 -4.65
C LEU B 146 10.65 13.41 -3.61
N GLU B 147 10.35 12.54 -2.64
CA GLU B 147 11.31 12.28 -1.59
C GLU B 147 11.01 10.97 -0.86
N MET B 148 12.06 10.26 -0.46
CA MET B 148 11.90 9.01 0.29
C MET B 148 12.85 9.07 1.46
N ARG B 149 12.34 8.73 2.64
CA ARG B 149 13.16 8.80 3.84
C ARG B 149 12.82 7.71 4.83
N ARG B 150 13.87 7.06 5.33
CA ARG B 150 13.71 6.02 6.33
C ARG B 150 13.68 6.77 7.68
N LEU B 151 12.70 6.48 8.52
CA LEU B 151 12.59 7.18 9.80
C LEU B 151 13.20 6.47 11.02
N ASN B 152 13.32 5.15 10.94
CA ASN B 152 13.89 4.38 12.04
C ASN B 152 14.56 3.13 11.52
N GLU B 153 15.36 2.49 12.36
CA GLU B 153 16.07 1.28 11.96
C GLU B 153 15.15 0.10 11.60
N ARG B 154 13.94 0.12 12.12
CA ARG B 154 12.96 -0.93 11.87
C ARG B 154 12.43 -0.89 10.42
N GLY B 155 12.41 0.30 9.83
CA GLY B 155 11.96 0.39 8.46
C GLY B 155 10.80 1.33 8.15
N THR B 156 10.34 2.07 9.14
CA THR B 156 9.26 3.02 8.91
C THR B 156 9.72 3.93 7.77
N LEU B 157 8.91 4.05 6.73
CA LEU B 157 9.29 4.87 5.57
C LEU B 157 8.37 6.05 5.30
N PHE B 158 8.98 7.19 5.02
CA PHE B 158 8.23 8.39 4.71
C PHE B 158 8.43 8.68 3.24
N LEU B 159 7.33 8.78 2.50
CA LEU B 159 7.39 9.03 1.08
C LEU B 159 6.58 10.27 0.74
N LYS B 160 7.08 11.09 -0.16
CA LYS B 160 6.37 12.30 -0.55
C LYS B 160 6.13 12.17 -2.04
N TYR B 161 4.87 12.28 -2.45
CA TYR B 161 4.49 12.17 -3.85
C TYR B 161 3.74 13.40 -4.36
N SER B 162 3.93 13.70 -5.64
CA SER B 162 3.23 14.79 -6.28
C SER B 162 2.16 14.12 -7.16
N VAL B 163 0.96 14.69 -7.23
CA VAL B 163 -0.07 14.10 -8.08
C VAL B 163 0.14 14.53 -9.53
N GLU B 164 -0.20 13.62 -10.44
CA GLU B 164 -0.07 13.84 -11.89
C GLU B 164 1.39 14.01 -12.25
PA NDP C . -4.82 -16.40 -9.64
O1A NDP C . -3.37 -16.29 -9.90
O2A NDP C . -5.55 -15.87 -10.74
O5B NDP C . -5.25 -17.94 -9.58
C5B NDP C . -6.56 -18.38 -9.19
C4B NDP C . -6.61 -19.86 -9.47
O4B NDP C . -5.44 -20.58 -9.16
C3B NDP C . -7.82 -20.60 -9.07
O3B NDP C . -8.93 -20.40 -9.96
C2B NDP C . -7.34 -22.03 -9.08
O2B NDP C . -7.27 -22.56 -10.42
C1B NDP C . -5.84 -21.88 -8.71
N9A NDP C . -5.50 -22.05 -7.26
C8A NDP C . -5.32 -21.14 -6.25
N7A NDP C . -5.00 -21.70 -5.11
C5A NDP C . -4.95 -23.04 -5.40
C6A NDP C . -4.65 -24.21 -4.61
N6A NDP C . -4.34 -24.13 -3.32
N1A NDP C . -4.69 -25.44 -5.21
C2A NDP C . -5.00 -25.55 -6.52
N3A NDP C . -5.29 -24.51 -7.32
C4A NDP C . -5.24 -23.28 -6.67
O3 NDP C . -5.42 -15.59 -8.44
PN NDP C . -6.36 -14.23 -8.49
O1N NDP C . -6.92 -14.12 -7.15
O2N NDP C . -7.31 -14.40 -9.63
O5D NDP C . -5.44 -12.97 -8.95
C5D NDP C . -4.94 -12.76 -10.32
C4D NDP C . -4.97 -11.24 -10.65
O4D NDP C . -3.90 -10.59 -9.99
C3D NDP C . -4.82 -10.83 -12.14
O3D NDP C . -5.53 -9.69 -12.43
C2D NDP C . -3.36 -10.56 -12.34
O2D NDP C . -3.07 -9.57 -13.28
C1D NDP C . -2.95 -10.07 -10.92
N1N NDP C . -1.56 -10.34 -10.56
C2N NDP C . -0.89 -9.16 -10.17
C3N NDP C . 0.47 -9.28 -9.77
C7N NDP C . 1.23 -8.10 -9.35
O7N NDP C . 2.39 -8.17 -8.98
N7N NDP C . 0.68 -6.86 -9.38
C4N NDP C . 1.05 -10.56 -9.76
C5N NDP C . 0.37 -11.70 -10.14
C6N NDP C . -0.94 -11.59 -10.53
P2B NDP C . -8.41 -23.50 -11.08
O1X NDP C . -8.73 -24.60 -10.15
O2X NDP C . -9.47 -22.51 -11.28
O3X NDP C . -7.79 -23.90 -12.34
N1 MTX D . 6.09 -7.41 -11.02
C2 MTX D . 6.46 -7.83 -9.74
NA2 MTX D . 7.38 -7.05 -9.08
N3 MTX D . 5.93 -8.95 -9.20
C4 MTX D . 5.01 -9.81 -9.76
NA4 MTX D . 4.52 -10.88 -9.20
C4A MTX D . 4.61 -9.41 -11.10
N5 MTX D . 3.71 -10.17 -11.82
C6 MTX D . 3.38 -9.74 -13.05
C7 MTX D . 3.99 -8.52 -13.54
N8 MTX D . 4.80 -7.77 -12.98
C8A MTX D . 5.16 -8.20 -11.69
C9 MTX D . 2.38 -10.68 -13.79
N10 MTX D . 2.55 -10.62 -15.16
CM MTX D . 1.25 -10.14 -15.80
C11 MTX D . 5.99 -11.45 -17.59
C12 MTX D . 4.78 -10.99 -18.18
C13 MTX D . 3.58 -10.68 -17.62
C14 MTX D . 3.61 -10.88 -16.05
C15 MTX D . 4.95 -11.38 -15.47
C16 MTX D . 6.02 -11.64 -16.16
C MTX D . 6.96 -11.66 -18.43
O MTX D . 7.14 -11.58 -19.66
N MTX D . 8.19 -12.02 -18.16
CA MTX D . 9.50 -11.72 -18.34
CT MTX D . 10.35 -12.58 -17.43
O1 MTX D . 10.46 -12.66 -16.23
O2 MTX D . 11.11 -13.41 -18.21
CB MTX D . 10.14 -10.32 -18.00
CG MTX D . 11.14 -9.73 -18.89
CD MTX D . 11.17 -8.37 -19.86
OE1 MTX D . 10.12 -7.51 -20.05
OE2 MTX D . 12.43 -8.71 -20.12
PA NDP E . -13.39 10.01 9.82
O1A NDP E . -12.22 10.91 9.70
O2A NDP E . -13.38 9.27 11.04
O5B NDP E . -14.69 10.99 9.82
C5B NDP E . -16.05 10.51 9.79
C4B NDP E . -16.96 11.71 9.99
O4B NDP E . -16.59 12.88 9.29
C3B NDP E . -18.41 11.45 9.90
O3B NDP E . -18.96 11.01 11.15
C2B NDP E . -18.99 12.78 9.46
O2B NDP E . -19.44 13.60 10.58
C1B NDP E . -17.78 13.54 8.86
N9A NDP E . -17.76 13.73 7.36
C8A NDP E . -17.20 12.97 6.35
N7A NDP E . -17.39 13.50 5.16
C5A NDP E . -18.12 14.64 5.40
C6A NDP E . -18.65 15.65 4.54
N6A NDP E . -18.49 15.61 3.23
N1A NDP E . -19.34 16.70 5.10
C2A NDP E . -19.51 16.76 6.43
N3A NDP E . -19.05 15.86 7.30
C4A NDP E . -18.35 14.81 6.70
O3 NDP E . -13.59 8.98 8.61
PN NDP E . -13.60 7.33 8.58
O1N NDP E . -14.10 6.96 7.25
O2N NDP E . -14.44 6.93 9.76
O5D NDP E . -12.12 6.75 8.95
C5D NDP E . -11.48 6.96 10.26
C4D NDP E . -10.68 5.71 10.70
O4D NDP E . -9.41 5.73 10.07
C3D NDP E . -10.37 5.58 12.22
O3D NDP E . -10.43 4.31 12.69
C2D NDP E . -8.99 6.15 12.41
O2D NDP E . -8.23 5.48 13.39
C1D NDP E . -8.35 5.94 11.01
N1N NDP E . -7.47 7.04 10.60
C2N NDP E . -6.18 6.61 10.24
C3N NDP E . -5.23 7.59 9.81
C7N NDP E . -3.87 7.20 9.41
O7N NDP E . -3.04 8.00 9.03
N7N NDP E . -3.50 5.90 9.45
C4N NDP E . -5.62 8.94 9.78
C5N NDP E . -6.88 9.35 10.14
C6N NDP E . -7.81 8.40 10.55
P2B NDP E . -20.93 13.60 11.23
O1X NDP E . -21.80 14.54 10.50
O2X NDP E . -21.30 12.18 11.10
O3X NDP E . -20.64 13.96 12.63
N1 MTX F . 0.42 9.60 11.03
C2 MTX F . 0.44 10.10 9.71
NA2 MTX F . 1.63 9.98 9.05
N3 MTX F . -0.68 10.67 9.16
C4 MTX F . -1.92 10.84 9.75
NA4 MTX F . -2.96 11.38 9.21
C4A MTX F . -1.97 10.33 11.13
N5 MTX F . -3.12 10.43 11.87
C6 MTX F . -3.09 9.94 13.14
C7 MTX F . -1.86 9.36 13.60
N8 MTX F . -0.78 9.22 13.02
C8A MTX F . -0.78 9.72 11.72
C9 MTX F . -4.41 10.12 13.92
N10 MTX F . -4.21 10.12 15.30
CM MTX F . -4.91 8.92 15.93
C11 MTX F . -1.96 12.82 17.74
C12 MTX F . -2.62 11.71 18.32
C13 MTX F . -3.38 10.74 17.75
C14 MTX F . -3.52 10.95 16.20
C15 MTX F . -2.78 12.18 15.64
C16 MTX F . -2.09 13.03 16.32
C MTX F . -1.30 13.56 18.58
O MTX F . -1.07 13.58 19.79
N MTX F . -0.67 14.68 18.33
CA MTX F . 0.47 15.40 18.50
CT MTX F . 0.57 16.45 17.40
O1 MTX F . 0.48 16.43 16.20
O2 MTX F . 0.79 17.66 18.00
CB MTX F . 1.92 14.79 18.36
CG MTX F . 2.87 14.88 19.48
CD MTX F . 4.05 13.87 20.07
OE1 MTX F . 3.95 12.51 20.12
OE2 MTX F . 4.76 14.97 20.31
#